data_6DDR
#
_entry.id   6DDR
#
_cell.length_a   51.549
_cell.length_b   61.833
_cell.length_c   172.368
_cell.angle_alpha   90.000
_cell.angle_beta   90.000
_cell.angle_gamma   90.000
#
_symmetry.space_group_name_H-M   'P 21 21 21'
#
loop_
_entity.id
_entity.type
_entity.pdbx_description
1 polymer 'Anti-MICA Fab fragment light chain clone 13A9'
2 polymer 'Anti-MICA Fab fragment heavy chain clone 13A9'
3 polymer 'MHC class I polypeptide-related sequence A'
4 non-polymer GLYCEROL
5 non-polymer 'SULFATE ION'
6 non-polymer 'ZINC ION'
7 water water
#
loop_
_entity_poly.entity_id
_entity_poly.type
_entity_poly.pdbx_seq_one_letter_code
_entity_poly.pdbx_strand_id
1 'polypeptide(L)'
;DIQMTQSPASLSASVGETVTITCRASGNIHSYLAWYQQKQGKSPQLLVYYAETLADGVPSRFSGRGSGTQYSLKINSLQP
EDFGSYFCQQFWTTPYTFGGGTKVEIKRTVAAPSVFIFPPSDEQLKSGTASVVCLLNNFYPREAKVQWKVDNALQSGNSQ
ESVTEQDSKDSTYSLSSTLTLSKADYEKHKVYACEVTHQGLSSPVTKSFNRGEC
;
A
2 'polypeptide(L)'
;QVQLQQSGAELVRPGTSVKVSCKASGYAFTNYLIEWVKQRPGQGLEWIGAINPGSGATNYNEKFKDKARLTADKSSNTAY
LQFSSLTSDDSAVYFCARFLGNYFDNWGQGATLTVSSASTKGPSVFPLAPSSKSTSGGTAALGCLVKDYFPEPVTVSWNS
GALTSGVHTFPAVLQSSGLYSLSSVVTVPSSSLGTQTYICNVNHKPSNTKVDKKVEPKSCD
;
B
3 'polypeptide(L)'
;TVPPMVNVTRSEASEGNITVTCRASSFYPRNIILTWRQDGVSLSHDTQQWGDVLPDGNGTYQTWVATRICRGEEQRFTCY
MEHSGNHSTHPVPS
;
C
#
loop_
_chem_comp.id
_chem_comp.type
_chem_comp.name
_chem_comp.formula
GOL non-polymer GLYCEROL 'C3 H8 O3'
SO4 non-polymer 'SULFATE ION' 'O4 S -2'
ZN non-polymer 'ZINC ION' 'Zn 2'
#
# COMPACT_ATOMS: atom_id res chain seq x y z
N ASP A 1 2.23 6.83 -22.73
CA ASP A 1 1.82 6.58 -21.32
C ASP A 1 0.47 7.24 -21.02
N ILE A 2 -0.49 6.45 -20.55
CA ILE A 2 -1.77 7.00 -20.10
C ILE A 2 -1.60 7.38 -18.63
N GLN A 3 -1.89 8.65 -18.31
CA GLN A 3 -1.96 9.11 -16.93
C GLN A 3 -3.41 8.98 -16.46
N MET A 4 -3.61 8.36 -15.30
CA MET A 4 -4.93 8.22 -14.68
C MET A 4 -5.03 9.20 -13.52
N THR A 5 -6.01 10.09 -13.60
CA THR A 5 -6.28 11.06 -12.53
C THR A 5 -7.50 10.60 -11.75
N GLN A 6 -7.27 10.15 -10.50
CA GLN A 6 -8.33 9.68 -9.61
C GLN A 6 -8.66 10.72 -8.55
N SER A 7 -9.94 11.05 -8.41
CA SER A 7 -10.40 12.00 -7.40
C SER A 7 -11.71 11.52 -6.74
N PRO A 8 -11.93 11.86 -5.45
CA PRO A 8 -10.98 12.59 -4.61
C PRO A 8 -9.96 11.63 -3.99
N ALA A 9 -8.84 12.17 -3.50
CA ALA A 9 -7.80 11.38 -2.85
C ALA A 9 -8.28 10.77 -1.53
N SER A 10 -9.15 11.49 -0.83
CA SER A 10 -9.81 10.95 0.36
C SER A 10 -11.26 11.38 0.45
N LEU A 11 -12.04 10.61 1.20
CA LEU A 11 -13.48 10.67 1.17
C LEU A 11 -14.01 10.26 2.55
N SER A 12 -14.84 11.11 3.16
CA SER A 12 -15.47 10.83 4.45
C SER A 12 -16.95 10.55 4.23
N ALA A 13 -17.40 9.35 4.59
CA ALA A 13 -18.82 8.98 4.45
C ALA A 13 -19.31 8.12 5.60
N SER A 14 -20.63 8.07 5.75
CA SER A 14 -21.30 7.29 6.79
C SER A 14 -21.91 6.05 6.18
N VAL A 15 -22.21 5.06 7.02
CA VAL A 15 -22.93 3.87 6.59
C VAL A 15 -24.33 4.29 6.09
N GLY A 16 -24.72 3.77 4.93
CA GLY A 16 -25.97 4.16 4.28
C GLY A 16 -25.85 5.23 3.18
N GLU A 17 -24.75 5.98 3.17
CA GLU A 17 -24.56 7.03 2.16
C GLU A 17 -24.09 6.46 0.82
N THR A 18 -24.29 7.24 -0.23
CA THR A 18 -23.80 6.91 -1.56
C THR A 18 -22.59 7.78 -1.87
N VAL A 19 -21.53 7.14 -2.38
CA VAL A 19 -20.29 7.83 -2.72
C VAL A 19 -19.88 7.50 -4.15
N THR A 20 -19.19 8.44 -4.78
CA THR A 20 -18.76 8.31 -6.17
C THR A 20 -17.28 8.67 -6.26
N ILE A 21 -16.52 7.81 -6.95
CA ILE A 21 -15.10 8.03 -7.19
C ILE A 21 -14.91 8.09 -8.69
N THR A 22 -14.18 9.09 -9.18
CA THR A 22 -13.95 9.24 -10.62
C THR A 22 -12.49 8.99 -11.00
N CYS A 23 -12.28 8.46 -12.20
CA CYS A 23 -10.95 8.34 -12.80
C CYS A 23 -11.01 8.90 -14.22
N ARG A 24 -10.15 9.89 -14.50
CA ARG A 24 -10.05 10.50 -15.83
C ARG A 24 -8.72 10.10 -16.48
N ALA A 25 -8.80 9.48 -17.66
CA ALA A 25 -7.61 9.09 -18.43
C ALA A 25 -7.15 10.21 -19.36
N SER A 26 -5.84 10.31 -19.57
CA SER A 26 -5.25 11.35 -20.45
C SER A 26 -5.50 11.11 -21.94
N GLY A 27 -5.81 9.87 -22.31
CA GLY A 27 -6.25 9.52 -23.67
C GLY A 27 -7.30 8.44 -23.62
N ASN A 28 -7.93 8.19 -24.77
CA ASN A 28 -8.99 7.17 -24.87
C ASN A 28 -8.42 5.80 -24.49
N ILE A 29 -9.03 5.15 -23.49
CA ILE A 29 -8.62 3.81 -23.06
C ILE A 29 -9.66 2.74 -23.41
N HIS A 30 -10.68 3.13 -24.18
CA HIS A 30 -11.63 2.17 -24.78
C HIS A 30 -12.26 1.21 -23.76
N SER A 31 -12.64 1.79 -22.61
CA SER A 31 -13.29 1.06 -21.51
C SER A 31 -12.47 -0.10 -20.92
N TYR A 32 -11.16 -0.12 -21.15
CA TYR A 32 -10.27 -1.13 -20.55
C TYR A 32 -9.81 -0.57 -19.22
N LEU A 33 -10.71 -0.60 -18.26
CA LEU A 33 -10.50 -0.05 -16.94
C LEU A 33 -11.07 -1.01 -15.91
N ALA A 34 -10.33 -1.23 -14.82
CA ALA A 34 -10.83 -2.03 -13.71
C ALA A 34 -10.70 -1.25 -12.41
N TRP A 35 -11.61 -1.54 -11.48
CA TRP A 35 -11.59 -0.98 -10.13
C TRP A 35 -11.26 -2.07 -9.13
N TYR A 36 -10.41 -1.74 -8.17
CA TYR A 36 -9.98 -2.66 -7.13
C TYR A 36 -10.18 -2.04 -5.75
N GLN A 37 -10.50 -2.88 -4.78
CA GLN A 37 -10.56 -2.50 -3.38
C GLN A 37 -9.31 -3.01 -2.68
N GLN A 38 -8.83 -2.22 -1.72
CA GLN A 38 -7.65 -2.57 -0.93
C GLN A 38 -7.86 -2.12 0.51
N LYS A 39 -7.75 -3.05 1.46
CA LYS A 39 -7.83 -2.74 2.89
C LYS A 39 -6.47 -2.86 3.56
N GLN A 40 -6.01 -1.78 4.19
N GLN A 40 -6.02 -1.78 4.19
CA GLN A 40 -4.74 -1.75 4.94
CA GLN A 40 -4.74 -1.71 4.92
C GLN A 40 -3.52 -2.19 4.11
C GLN A 40 -3.53 -2.19 4.10
N GLY A 41 -3.49 -1.80 2.83
CA GLY A 41 -2.42 -2.20 1.90
C GLY A 41 -2.32 -3.70 1.59
N LYS A 42 -3.40 -4.45 1.84
CA LYS A 42 -3.40 -5.90 1.61
C LYS A 42 -3.70 -6.18 0.13
N SER A 43 -3.87 -7.44 -0.22
CA SER A 43 -4.11 -7.87 -1.61
C SER A 43 -5.28 -7.10 -2.24
N PRO A 44 -5.06 -6.39 -3.37
CA PRO A 44 -6.19 -5.79 -4.08
C PRO A 44 -7.22 -6.82 -4.54
N GLN A 45 -8.50 -6.45 -4.43
CA GLN A 45 -9.61 -7.33 -4.80
C GLN A 45 -10.39 -6.70 -5.96
N LEU A 46 -10.61 -7.47 -7.02
CA LEU A 46 -11.30 -6.98 -8.22
C LEU A 46 -12.78 -6.69 -7.94
N LEU A 47 -13.22 -5.48 -8.29
CA LEU A 47 -14.62 -5.08 -8.18
C LEU A 47 -15.33 -5.06 -9.53
N VAL A 48 -14.72 -4.34 -10.48
CA VAL A 48 -15.31 -4.07 -11.78
C VAL A 48 -14.23 -4.17 -12.85
N TYR A 49 -14.57 -4.74 -14.00
CA TYR A 49 -13.69 -4.73 -15.18
C TYR A 49 -14.47 -4.33 -16.43
N TYR A 50 -13.73 -4.03 -17.50
CA TYR A 50 -14.30 -3.45 -18.72
C TYR A 50 -15.20 -2.25 -18.40
N ALA A 51 -14.75 -1.43 -17.45
CA ALA A 51 -15.46 -0.23 -17.00
C ALA A 51 -16.78 -0.45 -16.23
N GLU A 52 -17.60 -1.41 -16.64
CA GLU A 52 -18.95 -1.61 -16.06
C GLU A 52 -19.35 -3.04 -15.69
N THR A 53 -18.51 -4.04 -15.97
CA THR A 53 -18.88 -5.43 -15.66
C THR A 53 -18.47 -5.72 -14.23
N LEU A 54 -19.47 -6.04 -13.41
CA LEU A 54 -19.26 -6.34 -12.00
C LEU A 54 -18.66 -7.74 -11.87
N ALA A 55 -17.61 -7.88 -11.07
CA ALA A 55 -16.91 -9.16 -10.90
C ALA A 55 -17.72 -10.12 -10.04
N ASP A 56 -17.33 -11.41 -10.08
N ASP A 56 -17.34 -11.40 -10.09
CA ASP A 56 -18.04 -12.45 -9.35
CA ASP A 56 -18.05 -12.45 -9.36
C ASP A 56 -17.89 -12.29 -7.84
C ASP A 56 -17.89 -12.29 -7.84
N GLY A 57 -19.00 -12.41 -7.12
CA GLY A 57 -19.02 -12.25 -5.67
C GLY A 57 -19.15 -10.83 -5.16
N VAL A 58 -19.08 -9.84 -6.05
CA VAL A 58 -19.07 -8.43 -5.64
C VAL A 58 -20.52 -7.99 -5.45
N PRO A 59 -20.83 -7.32 -4.32
CA PRO A 59 -22.20 -6.86 -4.08
C PRO A 59 -22.73 -5.88 -5.14
N SER A 60 -24.01 -5.98 -5.45
CA SER A 60 -24.65 -5.19 -6.52
C SER A 60 -24.75 -3.69 -6.20
N ARG A 61 -24.48 -3.31 -4.95
CA ARG A 61 -24.34 -1.89 -4.59
C ARG A 61 -23.15 -1.18 -5.28
N PHE A 62 -22.13 -1.96 -5.68
CA PHE A 62 -21.01 -1.43 -6.48
C PHE A 62 -21.43 -1.30 -7.94
N SER A 63 -21.11 -0.15 -8.53
CA SER A 63 -21.51 0.16 -9.90
C SER A 63 -20.41 0.92 -10.62
N GLY A 64 -19.93 0.34 -11.72
CA GLY A 64 -18.92 0.98 -12.57
C GLY A 64 -19.58 1.56 -13.80
N ARG A 65 -19.18 2.78 -14.18
CA ARG A 65 -19.68 3.41 -15.39
C ARG A 65 -18.56 4.17 -16.10
N GLY A 66 -18.68 4.27 -17.43
CA GLY A 66 -17.81 5.13 -18.21
C GLY A 66 -17.46 4.64 -19.60
N SER A 67 -16.83 5.53 -20.35
CA SER A 67 -16.29 5.24 -21.68
C SER A 67 -15.33 6.36 -22.06
N GLY A 68 -14.56 6.13 -23.13
CA GLY A 68 -13.60 7.11 -23.61
C GLY A 68 -12.53 7.41 -22.55
N THR A 69 -12.61 8.61 -21.98
CA THR A 69 -11.65 9.08 -20.97
C THR A 69 -12.25 9.31 -19.57
N GLN A 70 -13.56 9.12 -19.41
CA GLN A 70 -14.26 9.46 -18.16
C GLN A 70 -14.88 8.21 -17.53
N TYR A 71 -14.47 7.90 -16.31
CA TYR A 71 -14.91 6.68 -15.61
C TYR A 71 -15.24 6.98 -14.16
N SER A 72 -16.22 6.26 -13.61
CA SER A 72 -16.59 6.41 -12.20
C SER A 72 -16.97 5.08 -11.55
N LEU A 73 -16.71 4.99 -10.24
CA LEU A 73 -17.18 3.88 -9.41
C LEU A 73 -18.13 4.46 -8.37
N LYS A 74 -19.36 3.95 -8.34
CA LYS A 74 -20.34 4.37 -7.36
C LYS A 74 -20.60 3.25 -6.36
N ILE A 75 -20.64 3.61 -5.08
CA ILE A 75 -21.01 2.69 -4.01
C ILE A 75 -22.30 3.22 -3.39
N ASN A 76 -23.43 2.59 -3.73
CA ASN A 76 -24.72 2.93 -3.14
C ASN A 76 -24.82 2.25 -1.78
N SER A 77 -25.45 2.91 -0.82
N SER A 77 -25.43 2.92 -0.82
CA SER A 77 -25.65 2.36 0.53
CA SER A 77 -25.65 2.36 0.52
C SER A 77 -24.37 1.75 1.11
C SER A 77 -24.38 1.75 1.11
N LEU A 78 -23.43 2.62 1.44
CA LEU A 78 -22.09 2.21 1.92
C LEU A 78 -22.17 1.38 3.20
N GLN A 79 -21.50 0.23 3.20
CA GLN A 79 -21.53 -0.71 4.34
C GLN A 79 -20.21 -0.67 5.12
N PRO A 80 -20.22 -1.14 6.39
CA PRO A 80 -18.99 -1.13 7.21
C PRO A 80 -17.77 -1.79 6.55
N GLU A 81 -18.01 -2.87 5.80
CA GLU A 81 -16.96 -3.57 5.06
C GLU A 81 -16.40 -2.84 3.83
N ASP A 82 -17.02 -1.72 3.43
CA ASP A 82 -16.58 -0.92 2.26
C ASP A 82 -15.54 0.14 2.61
N PHE A 83 -15.35 0.42 3.89
CA PHE A 83 -14.32 1.39 4.30
C PHE A 83 -12.94 0.76 4.07
N GLY A 84 -12.05 1.57 3.49
CA GLY A 84 -10.77 1.10 2.95
C GLY A 84 -10.40 1.96 1.75
N SER A 85 -9.51 1.45 0.91
CA SER A 85 -9.02 2.19 -0.27
C SER A 85 -9.51 1.57 -1.58
N TYR A 86 -9.59 2.40 -2.60
CA TYR A 86 -10.02 1.98 -3.94
C TYR A 86 -9.09 2.60 -4.97
N PHE A 87 -8.79 1.86 -6.03
CA PHE A 87 -8.03 2.40 -7.16
C PHE A 87 -8.49 1.85 -8.52
N CYS A 88 -8.33 2.68 -9.55
CA CYS A 88 -8.58 2.28 -10.93
C CYS A 88 -7.26 1.89 -11.60
N GLN A 89 -7.35 1.07 -12.65
CA GLN A 89 -6.20 0.69 -13.44
C GLN A 89 -6.63 0.56 -14.89
N GLN A 90 -5.80 1.04 -15.82
CA GLN A 90 -6.08 0.93 -17.26
C GLN A 90 -5.22 -0.14 -17.90
N PHE A 91 -5.79 -0.82 -18.90
CA PHE A 91 -5.14 -1.94 -19.61
C PHE A 91 -5.14 -1.74 -21.12
N TRP A 92 -5.28 -0.48 -21.55
CA TRP A 92 -5.33 -0.14 -22.96
C TRP A 92 -3.92 -0.18 -23.57
N THR A 93 -2.96 0.45 -22.89
CA THR A 93 -1.55 0.40 -23.32
C THR A 93 -0.63 0.12 -22.14
N THR A 94 0.48 -0.57 -22.44
CA THR A 94 1.58 -0.70 -21.49
C THR A 94 2.51 0.51 -21.66
N PRO A 95 3.13 0.99 -20.58
CA PRO A 95 2.99 0.43 -19.23
C PRO A 95 1.62 0.68 -18.61
N TYR A 96 1.08 -0.34 -17.93
CA TYR A 96 -0.19 -0.19 -17.22
C TYR A 96 0.00 0.87 -16.14
N THR A 97 -1.02 1.70 -15.96
CA THR A 97 -0.96 2.83 -15.05
C THR A 97 -2.19 2.84 -14.16
N PHE A 98 -2.03 3.42 -12.98
CA PHE A 98 -3.02 3.36 -11.91
C PHE A 98 -3.43 4.77 -11.50
N GLY A 99 -4.67 4.89 -11.04
CA GLY A 99 -5.10 6.10 -10.33
C GLY A 99 -4.37 6.19 -9.00
N GLY A 100 -4.29 7.41 -8.47
CA GLY A 100 -3.60 7.66 -7.20
C GLY A 100 -4.29 7.13 -5.96
N GLY A 101 -5.54 6.68 -6.11
CA GLY A 101 -6.28 6.00 -5.05
C GLY A 101 -7.24 6.93 -4.34
N THR A 102 -8.22 6.34 -3.69
CA THR A 102 -9.19 7.06 -2.87
C THR A 102 -9.33 6.31 -1.56
N LYS A 103 -8.99 6.98 -0.45
CA LYS A 103 -9.21 6.42 0.88
C LYS A 103 -10.60 6.81 1.36
N VAL A 104 -11.43 5.80 1.64
CA VAL A 104 -12.79 6.01 2.10
C VAL A 104 -12.83 5.79 3.60
N GLU A 105 -12.97 6.88 4.36
CA GLU A 105 -13.01 6.82 5.83
C GLU A 105 -14.41 7.10 6.39
N ILE A 106 -14.60 6.71 7.65
CA ILE A 106 -15.90 6.84 8.32
C ILE A 106 -16.08 8.28 8.81
N LYS A 107 -17.18 8.91 8.37
CA LYS A 107 -17.53 10.25 8.80
C LYS A 107 -18.09 10.20 10.21
N ARG A 108 -17.77 11.21 11.01
CA ARG A 108 -18.37 11.37 12.33
C ARG A 108 -18.29 12.85 12.72
N THR A 109 -18.86 13.18 13.89
CA THR A 109 -18.81 14.55 14.39
C THR A 109 -17.37 14.94 14.78
N VAL A 110 -17.10 16.24 14.70
CA VAL A 110 -15.79 16.78 15.08
C VAL A 110 -15.57 16.48 16.57
N ALA A 111 -14.39 15.99 16.91
CA ALA A 111 -14.01 15.68 18.29
C ALA A 111 -12.63 16.22 18.56
N ALA A 112 -12.51 17.10 19.56
CA ALA A 112 -11.21 17.65 19.94
C ALA A 112 -10.37 16.57 20.61
N PRO A 113 -9.03 16.63 20.43
CA PRO A 113 -8.17 15.70 21.15
C PRO A 113 -8.06 16.04 22.63
N SER A 114 -7.93 15.01 23.46
N SER A 114 -7.93 15.00 23.46
CA SER A 114 -7.44 15.18 24.83
CA SER A 114 -7.42 15.14 24.82
C SER A 114 -5.92 15.04 24.76
C SER A 114 -5.91 15.05 24.71
N VAL A 115 -5.20 16.03 25.30
CA VAL A 115 -3.74 16.12 25.16
C VAL A 115 -3.04 15.73 26.45
N PHE A 116 -2.04 14.84 26.33
CA PHE A 116 -1.25 14.37 27.46
C PHE A 116 0.23 14.50 27.10
N ILE A 117 1.06 14.81 28.10
CA ILE A 117 2.51 14.95 27.90
C ILE A 117 3.27 14.09 28.92
N PHE A 118 4.36 13.47 28.47
CA PHE A 118 5.16 12.54 29.26
C PHE A 118 6.62 12.96 29.22
N PRO A 119 7.21 13.31 30.38
CA PRO A 119 8.66 13.51 30.43
C PRO A 119 9.42 12.23 30.11
N PRO A 120 10.73 12.35 29.80
CA PRO A 120 11.54 11.14 29.71
C PRO A 120 11.65 10.48 31.07
N SER A 121 11.61 9.15 31.10
CA SER A 121 11.77 8.41 32.35
C SER A 121 13.22 8.51 32.85
N ASP A 122 13.41 8.28 34.14
CA ASP A 122 14.75 8.21 34.73
C ASP A 122 15.56 7.06 34.14
N GLU A 123 14.86 5.96 33.80
CA GLU A 123 15.47 4.81 33.14
C GLU A 123 16.11 5.17 31.81
N GLN A 124 15.39 5.94 30.99
CA GLN A 124 15.90 6.36 29.68
C GLN A 124 17.11 7.29 29.80
N LEU A 125 17.05 8.23 30.75
CA LEU A 125 18.13 9.22 30.93
C LEU A 125 19.51 8.59 31.23
N LYS A 126 19.52 7.37 31.78
CA LYS A 126 20.74 6.57 31.90
C LYS A 126 21.39 6.21 30.54
N SER A 127 20.58 6.05 29.50
CA SER A 127 21.08 5.77 28.14
C SER A 127 21.70 6.98 27.41
N GLY A 128 21.47 8.19 27.92
CA GLY A 128 22.05 9.41 27.34
C GLY A 128 21.18 10.10 26.30
N THR A 129 19.99 9.57 26.06
CA THR A 129 18.99 10.19 25.19
C THR A 129 17.75 10.50 26.04
N ALA A 130 17.01 11.54 25.63
CA ALA A 130 15.76 11.90 26.28
C ALA A 130 14.67 11.94 25.22
N SER A 131 13.58 11.23 25.47
CA SER A 131 12.40 11.26 24.61
C SER A 131 11.24 11.85 25.40
N VAL A 132 10.67 12.93 24.85
CA VAL A 132 9.48 13.56 25.41
C VAL A 132 8.33 13.20 24.48
N VAL A 133 7.24 12.68 25.03
CA VAL A 133 6.12 12.17 24.23
C VAL A 133 4.89 13.03 24.46
N CYS A 134 4.22 13.40 23.37
CA CYS A 134 2.93 14.10 23.43
C CYS A 134 1.87 13.21 22.76
N LEU A 135 0.78 12.98 23.48
CA LEU A 135 -0.33 12.15 23.02
C LEU A 135 -1.55 13.03 22.74
N LEU A 136 -2.09 12.95 21.53
CA LEU A 136 -3.36 13.59 21.16
C LEU A 136 -4.34 12.46 21.00
N ASN A 137 -5.29 12.33 21.92
CA ASN A 137 -6.13 11.14 22.00
C ASN A 137 -7.57 11.36 21.51
N ASN A 138 -8.00 10.50 20.59
CA ASN A 138 -9.40 10.34 20.19
C ASN A 138 -10.01 11.61 19.60
N PHE A 139 -9.47 12.02 18.45
CA PHE A 139 -9.90 13.23 17.77
C PHE A 139 -10.38 12.96 16.36
N TYR A 140 -11.15 13.91 15.82
CA TYR A 140 -11.64 13.84 14.44
C TYR A 140 -11.96 15.26 13.96
N PRO A 141 -11.62 15.64 12.72
CA PRO A 141 -10.96 14.81 11.71
C PRO A 141 -9.46 14.59 11.96
N ARG A 142 -8.81 13.90 11.03
CA ARG A 142 -7.40 13.51 11.15
C ARG A 142 -6.41 14.67 11.22
N GLU A 143 -6.77 15.82 10.64
CA GLU A 143 -5.85 16.94 10.49
C GLU A 143 -5.60 17.61 11.84
N ALA A 144 -4.34 17.59 12.28
CA ALA A 144 -3.92 18.18 13.55
C ALA A 144 -2.47 18.64 13.46
N LYS A 145 -2.13 19.68 14.22
CA LYS A 145 -0.78 20.24 14.26
C LYS A 145 -0.22 20.12 15.66
N VAL A 146 0.94 19.49 15.80
CA VAL A 146 1.70 19.46 17.05
C VAL A 146 2.89 20.39 16.89
N GLN A 147 3.06 21.29 17.86
CA GLN A 147 4.20 22.19 17.89
C GLN A 147 4.89 22.04 19.23
N TRP A 148 6.13 21.59 19.22
CA TRP A 148 6.94 21.47 20.44
C TRP A 148 7.60 22.81 20.78
N LYS A 149 7.69 23.09 22.08
CA LYS A 149 8.42 24.26 22.59
C LYS A 149 9.31 23.86 23.76
N VAL A 150 10.54 24.37 23.76
CA VAL A 150 11.49 24.18 24.85
C VAL A 150 11.92 25.57 25.33
N ASP A 151 11.61 25.88 26.59
CA ASP A 151 11.75 27.24 27.15
C ASP A 151 11.12 28.28 26.24
N ASN A 152 9.90 27.99 25.78
CA ASN A 152 9.13 28.85 24.85
C ASN A 152 9.76 29.11 23.46
N ALA A 153 10.77 28.32 23.09
CA ALA A 153 11.36 28.40 21.75
C ALA A 153 10.75 27.29 20.91
N LEU A 154 10.16 27.64 19.77
CA LEU A 154 9.56 26.64 18.87
C LEU A 154 10.63 25.73 18.30
N GLN A 155 10.35 24.42 18.35
CA GLN A 155 11.25 23.42 17.83
C GLN A 155 10.91 23.09 16.39
N SER A 156 11.91 22.65 15.64
CA SER A 156 11.71 22.18 14.27
C SER A 156 12.80 21.20 13.89
N GLY A 157 12.39 20.08 13.28
CA GLY A 157 13.33 19.08 12.78
C GLY A 157 13.86 18.07 13.78
N ASN A 158 13.35 18.08 15.02
CA ASN A 158 13.78 17.14 16.07
C ASN A 158 12.62 16.35 16.70
N SER A 159 11.52 16.21 15.94
CA SER A 159 10.38 15.41 16.36
C SER A 159 9.87 14.53 15.22
N GLN A 160 9.19 13.46 15.60
CA GLN A 160 8.53 12.56 14.65
C GLN A 160 7.19 12.16 15.24
N GLU A 161 6.20 11.93 14.38
CA GLU A 161 4.88 11.53 14.82
C GLU A 161 4.32 10.38 14.01
N SER A 162 3.24 9.80 14.55
N SER A 162 3.27 9.76 14.54
CA SER A 162 2.53 8.69 13.94
CA SER A 162 2.50 8.79 13.79
C SER A 162 1.07 8.79 14.34
C SER A 162 1.08 8.76 14.32
N VAL A 163 0.16 8.34 13.46
CA VAL A 163 -1.27 8.37 13.72
C VAL A 163 -1.82 6.95 13.58
N THR A 164 -2.72 6.57 14.48
CA THR A 164 -3.44 5.30 14.35
C THR A 164 -4.44 5.38 13.21
N GLU A 165 -4.90 4.22 12.75
CA GLU A 165 -6.04 4.17 11.84
C GLU A 165 -7.31 4.42 12.66
N GLN A 166 -8.42 4.67 11.96
CA GLN A 166 -9.69 4.95 12.64
C GLN A 166 -10.06 3.84 13.62
N ASP A 167 -10.46 4.25 14.82
CA ASP A 167 -10.81 3.31 15.89
C ASP A 167 -12.11 2.60 15.54
N SER A 168 -12.19 1.32 15.92
CA SER A 168 -13.37 0.49 15.65
C SER A 168 -14.59 0.91 16.48
N LYS A 169 -14.37 1.41 17.70
CA LYS A 169 -15.46 1.86 18.57
C LYS A 169 -16.04 3.21 18.12
N ASP A 170 -15.21 4.26 18.15
CA ASP A 170 -15.68 5.65 17.98
C ASP A 170 -15.24 6.40 16.71
N SER A 171 -14.54 5.71 15.80
CA SER A 171 -14.12 6.29 14.50
C SER A 171 -13.19 7.50 14.60
N THR A 172 -12.44 7.61 15.70
CA THR A 172 -11.50 8.71 15.90
C THR A 172 -10.07 8.27 15.61
N TYR A 173 -9.20 9.27 15.54
CA TYR A 173 -7.76 9.08 15.40
C TYR A 173 -7.08 9.41 16.71
N SER A 174 -5.90 8.85 16.90
CA SER A 174 -5.00 9.29 17.96
C SER A 174 -3.62 9.51 17.34
N LEU A 175 -2.84 10.38 17.97
CA LEU A 175 -1.53 10.77 17.46
C LEU A 175 -0.51 10.79 18.59
N SER A 176 0.67 10.25 18.29
CA SER A 176 1.80 10.25 19.22
C SER A 176 2.94 11.00 18.57
N SER A 177 3.48 12.00 19.26
CA SER A 177 4.66 12.73 18.78
C SER A 177 5.79 12.57 19.79
N THR A 178 7.00 12.32 19.30
CA THR A 178 8.18 12.17 20.14
C THR A 178 9.20 13.25 19.81
N LEU A 179 9.53 14.08 20.80
CA LEU A 179 10.63 15.03 20.71
C LEU A 179 11.88 14.35 21.26
N THR A 180 12.94 14.32 20.47
CA THR A 180 14.18 13.67 20.86
C THR A 180 15.31 14.69 21.02
N LEU A 181 15.99 14.62 22.15
CA LEU A 181 17.19 15.40 22.39
C LEU A 181 18.14 14.62 23.28
N SER A 182 19.37 15.11 23.41
CA SER A 182 20.34 14.47 24.28
C SER A 182 19.95 14.68 25.74
N LYS A 183 20.40 13.77 26.60
CA LYS A 183 20.24 13.90 28.04
C LYS A 183 20.89 15.21 28.52
N ALA A 184 22.12 15.44 28.04
CA ALA A 184 22.88 16.64 28.35
C ALA A 184 22.09 17.92 28.07
N ASP A 185 21.50 18.01 26.88
CA ASP A 185 20.69 19.17 26.52
C ASP A 185 19.36 19.21 27.26
N TYR A 186 18.73 18.06 27.46
CA TYR A 186 17.48 17.99 28.23
C TYR A 186 17.62 18.63 29.62
N GLU A 187 18.75 18.39 30.27
CA GLU A 187 19.02 18.90 31.62
C GLU A 187 19.48 20.35 31.66
N LYS A 188 19.63 20.99 30.50
CA LYS A 188 19.92 22.43 30.39
C LYS A 188 18.68 23.33 30.23
N HIS A 189 17.53 22.73 29.92
CA HIS A 189 16.28 23.48 29.75
C HIS A 189 15.25 23.04 30.78
N LYS A 190 14.24 23.88 31.00
CA LYS A 190 13.25 23.69 32.07
C LYS A 190 11.86 23.34 31.55
N VAL A 191 11.32 24.18 30.67
CA VAL A 191 9.91 24.09 30.27
C VAL A 191 9.78 23.34 28.94
N TYR A 192 9.03 22.24 28.97
CA TYR A 192 8.78 21.41 27.79
C TYR A 192 7.31 21.41 27.52
N ALA A 193 6.91 21.84 26.32
CA ALA A 193 5.51 22.08 25.99
C ALA A 193 5.14 21.50 24.64
N CYS A 194 3.90 21.02 24.56
CA CYS A 194 3.31 20.49 23.35
C CYS A 194 2.07 21.35 23.04
N GLU A 195 2.17 22.20 22.01
CA GLU A 195 1.04 23.01 21.57
C GLU A 195 0.29 22.34 20.43
N VAL A 196 -0.99 22.05 20.66
CA VAL A 196 -1.83 21.31 19.71
C VAL A 196 -2.88 22.24 19.09
N THR A 197 -2.95 22.23 17.75
CA THR A 197 -3.98 22.95 17.01
C THR A 197 -4.91 21.93 16.32
N HIS A 198 -6.21 22.13 16.47
CA HIS A 198 -7.22 21.24 15.91
C HIS A 198 -8.56 21.96 15.84
N GLN A 199 -9.34 21.71 14.79
CA GLN A 199 -10.57 22.48 14.53
C GLN A 199 -11.65 22.31 15.59
N GLY A 200 -11.70 21.15 16.22
CA GLY A 200 -12.51 20.92 17.43
C GLY A 200 -12.18 21.73 18.68
N LEU A 201 -10.98 22.28 18.77
CA LEU A 201 -10.58 23.10 19.93
C LEU A 201 -11.01 24.55 19.74
N SER A 202 -11.46 25.19 20.81
CA SER A 202 -11.84 26.62 20.77
C SER A 202 -10.61 27.51 20.53
N SER A 203 -9.48 27.13 21.12
CA SER A 203 -8.18 27.73 20.77
C SER A 203 -7.08 26.68 20.95
N PRO A 204 -5.88 26.90 20.37
CA PRO A 204 -4.80 25.92 20.54
C PRO A 204 -4.50 25.62 22.00
N VAL A 205 -4.34 24.33 22.32
N VAL A 205 -4.36 24.34 22.34
CA VAL A 205 -4.12 23.87 23.69
CA VAL A 205 -4.13 23.92 23.73
C VAL A 205 -2.65 23.52 23.90
C VAL A 205 -2.67 23.51 23.92
N THR A 206 -2.07 23.99 25.01
CA THR A 206 -0.67 23.69 25.36
C THR A 206 -0.65 22.80 26.60
N LYS A 207 0.05 21.67 26.51
CA LYS A 207 0.32 20.81 27.66
C LYS A 207 1.82 20.83 27.91
N SER A 208 2.22 21.19 29.13
CA SER A 208 3.63 21.35 29.45
C SER A 208 3.98 20.84 30.84
N PHE A 209 5.27 20.60 31.04
CA PHE A 209 5.82 20.27 32.35
C PHE A 209 7.15 21.00 32.53
N ASN A 210 7.52 21.22 33.78
CA ASN A 210 8.83 21.72 34.16
C ASN A 210 9.69 20.53 34.57
N ARG A 211 10.91 20.45 34.04
CA ARG A 211 11.85 19.39 34.41
C ARG A 211 12.13 19.47 35.91
N GLY A 212 12.02 18.33 36.59
CA GLY A 212 12.20 18.26 38.05
C GLY A 212 10.92 18.45 38.84
N GLU A 213 9.82 18.84 38.20
CA GLU A 213 8.54 19.05 38.87
C GLU A 213 7.78 17.73 38.97
N CYS A 214 7.01 17.58 40.04
CA CYS A 214 6.30 16.35 40.32
C CYS A 214 5.13 16.13 39.36
N GLN B 1 -10.17 -21.28 -5.71
N GLN B 1 -9.94 -22.97 -7.16
CA GLN B 1 -9.12 -22.29 -6.04
CA GLN B 1 -9.17 -22.27 -6.10
C GLN B 1 -7.82 -21.68 -6.57
C GLN B 1 -7.85 -21.74 -6.66
N VAL B 2 -7.92 -20.63 -7.38
CA VAL B 2 -6.74 -19.98 -7.95
C VAL B 2 -6.02 -19.19 -6.85
N GLN B 3 -4.70 -19.34 -6.79
CA GLN B 3 -3.91 -18.74 -5.73
C GLN B 3 -2.50 -18.43 -6.18
N LEU B 4 -2.08 -17.19 -5.97
CA LEU B 4 -0.69 -16.78 -6.15
C LEU B 4 -0.12 -16.50 -4.76
N GLN B 5 0.75 -17.39 -4.30
CA GLN B 5 1.35 -17.30 -2.96
C GLN B 5 2.76 -16.78 -3.09
N GLN B 6 3.00 -15.58 -2.56
CA GLN B 6 4.33 -14.97 -2.60
C GLN B 6 5.19 -15.38 -1.42
N SER B 7 6.49 -15.16 -1.57
CA SER B 7 7.45 -15.32 -0.47
C SER B 7 7.23 -14.25 0.60
N GLY B 8 7.82 -14.48 1.77
CA GLY B 8 7.63 -13.61 2.94
C GLY B 8 8.37 -12.30 2.86
N ALA B 9 8.40 -11.58 3.99
CA ALA B 9 9.08 -10.28 4.10
C ALA B 9 10.59 -10.42 3.90
N GLU B 10 11.19 -9.38 3.32
CA GLU B 10 12.62 -9.36 3.00
C GLU B 10 13.27 -8.17 3.69
N LEU B 11 14.36 -8.44 4.40
CA LEU B 11 15.22 -7.42 4.97
C LEU B 11 16.59 -7.58 4.33
N VAL B 12 17.00 -6.62 3.52
CA VAL B 12 18.16 -6.74 2.63
C VAL B 12 19.00 -5.47 2.63
N ARG B 13 20.30 -5.64 2.38
CA ARG B 13 21.25 -4.51 2.43
C ARG B 13 21.31 -3.73 1.12
N PRO B 14 21.62 -2.41 1.20
CA PRO B 14 21.80 -1.63 -0.03
C PRO B 14 23.02 -2.09 -0.84
N GLY B 15 22.91 -2.06 -2.16
CA GLY B 15 23.95 -2.55 -3.06
C GLY B 15 23.86 -4.03 -3.41
N THR B 16 23.08 -4.81 -2.64
CA THR B 16 22.94 -6.25 -2.87
C THR B 16 21.75 -6.54 -3.79
N SER B 17 21.61 -7.81 -4.16
CA SER B 17 20.49 -8.29 -4.98
CA SER B 17 20.49 -8.29 -4.98
C SER B 17 19.60 -9.20 -4.17
N VAL B 18 18.32 -9.25 -4.54
CA VAL B 18 17.34 -10.14 -3.91
C VAL B 18 16.35 -10.65 -4.94
N LYS B 19 15.89 -11.88 -4.78
CA LYS B 19 14.91 -12.50 -5.66
C LYS B 19 13.70 -12.92 -4.84
N VAL B 20 12.54 -12.33 -5.14
CA VAL B 20 11.27 -12.69 -4.49
C VAL B 20 10.43 -13.54 -5.45
N SER B 21 9.60 -14.41 -4.89
CA SER B 21 8.88 -15.43 -5.67
C SER B 21 7.36 -15.26 -5.66
N CYS B 22 6.72 -15.90 -6.63
CA CYS B 22 5.26 -15.96 -6.73
C CYS B 22 4.88 -17.36 -7.23
N LYS B 23 4.39 -18.20 -6.33
CA LYS B 23 4.03 -19.58 -6.65
C LYS B 23 2.56 -19.67 -7.03
N ALA B 24 2.28 -20.13 -8.24
CA ALA B 24 0.93 -20.24 -8.78
C ALA B 24 0.35 -21.64 -8.60
N SER B 25 -0.94 -21.71 -8.27
CA SER B 25 -1.64 -22.99 -8.17
C SER B 25 -3.13 -22.85 -8.51
N GLY B 26 -3.75 -23.98 -8.81
CA GLY B 26 -5.17 -24.04 -9.17
C GLY B 26 -5.50 -23.78 -10.63
N TYR B 27 -4.49 -23.74 -11.49
CA TYR B 27 -4.68 -23.54 -12.93
C TYR B 27 -3.40 -23.91 -13.70
N ALA B 28 -3.49 -23.93 -15.02
CA ALA B 28 -2.34 -24.24 -15.89
C ALA B 28 -1.40 -23.03 -15.95
N PHE B 29 -0.28 -23.14 -15.23
CA PHE B 29 0.67 -22.03 -15.02
C PHE B 29 1.15 -21.36 -16.31
N THR B 30 1.45 -22.17 -17.33
CA THR B 30 2.00 -21.67 -18.60
C THR B 30 0.98 -20.94 -19.50
N ASN B 31 -0.32 -21.02 -19.18
CA ASN B 31 -1.36 -20.41 -20.01
C ASN B 31 -1.59 -18.93 -19.77
N TYR B 32 -1.16 -18.42 -18.61
CA TYR B 32 -1.44 -17.04 -18.22
C TYR B 32 -0.16 -16.25 -17.95
N LEU B 33 -0.18 -14.98 -18.35
CA LEU B 33 0.92 -14.07 -18.06
C LEU B 33 0.91 -13.71 -16.58
N ILE B 34 2.08 -13.62 -15.97
CA ILE B 34 2.25 -13.16 -14.59
C ILE B 34 2.70 -11.71 -14.60
N GLU B 35 2.10 -10.91 -13.73
CA GLU B 35 2.29 -9.46 -13.63
C GLU B 35 2.96 -9.13 -12.30
N TRP B 36 3.78 -8.08 -12.28
CA TRP B 36 4.43 -7.61 -11.06
C TRP B 36 4.18 -6.12 -10.86
N VAL B 37 3.87 -5.74 -9.61
CA VAL B 37 3.44 -4.39 -9.25
C VAL B 37 4.13 -3.96 -7.95
N LYS B 38 4.57 -2.72 -7.91
CA LYS B 38 5.22 -2.10 -6.75
C LYS B 38 4.25 -1.10 -6.11
N GLN B 39 4.19 -1.09 -4.77
CA GLN B 39 3.38 -0.14 -4.03
C GLN B 39 4.16 0.46 -2.85
N ARG B 40 4.21 1.80 -2.82
CA ARG B 40 4.70 2.53 -1.65
C ARG B 40 3.61 3.49 -1.16
N PRO B 41 3.66 3.89 0.13
CA PRO B 41 2.67 4.85 0.64
C PRO B 41 2.71 6.22 -0.03
N GLY B 42 3.92 6.70 -0.36
CA GLY B 42 4.11 8.04 -0.89
C GLY B 42 3.68 8.22 -2.33
N GLN B 43 4.12 7.32 -3.20
CA GLN B 43 4.01 7.53 -4.66
C GLN B 43 3.23 6.42 -5.41
N GLY B 44 2.24 5.83 -4.74
CA GLY B 44 1.22 5.02 -5.41
C GLY B 44 1.69 3.72 -6.04
N LEU B 45 0.83 3.16 -6.89
CA LEU B 45 1.05 1.85 -7.53
C LEU B 45 1.78 2.03 -8.86
N GLU B 46 2.76 1.17 -9.12
CA GLU B 46 3.52 1.18 -10.37
C GLU B 46 3.65 -0.23 -10.92
N TRP B 47 3.36 -0.38 -12.21
CA TRP B 47 3.55 -1.66 -12.90
C TRP B 47 5.03 -1.85 -13.24
N ILE B 48 5.59 -2.99 -12.86
CA ILE B 48 7.00 -3.31 -13.14
C ILE B 48 7.09 -3.97 -14.51
N GLY B 49 6.36 -5.06 -14.68
CA GLY B 49 6.36 -5.80 -15.94
C GLY B 49 5.55 -7.08 -15.92
N ALA B 50 5.52 -7.75 -17.07
CA ALA B 50 4.84 -9.03 -17.23
C ALA B 50 5.80 -10.06 -17.80
N ILE B 51 5.51 -11.33 -17.54
CA ILE B 51 6.26 -12.44 -18.10
C ILE B 51 5.29 -13.53 -18.57
N ASN B 52 5.61 -14.16 -19.69
CA ASN B 52 4.93 -15.38 -20.13
C ASN B 52 5.71 -16.56 -19.54
N PRO B 53 5.13 -17.26 -18.56
CA PRO B 53 5.86 -18.41 -17.98
C PRO B 53 6.12 -19.59 -18.93
N GLY B 54 5.36 -19.67 -20.03
CA GLY B 54 5.59 -20.69 -21.04
C GLY B 54 6.89 -20.55 -21.82
N SER B 55 7.24 -19.31 -22.16
CA SER B 55 8.45 -18.99 -22.94
C SER B 55 9.51 -18.19 -22.20
N GLY B 56 9.16 -17.58 -21.07
CA GLY B 56 10.06 -16.67 -20.35
C GLY B 56 10.16 -15.27 -20.94
N ALA B 57 9.40 -14.97 -22.00
CA ALA B 57 9.49 -13.66 -22.66
C ALA B 57 8.83 -12.57 -21.82
N THR B 58 9.47 -11.41 -21.76
CA THR B 58 9.13 -10.35 -20.80
C THR B 58 8.65 -9.06 -21.48
N ASN B 59 7.80 -8.32 -20.76
CA ASN B 59 7.33 -7.00 -21.17
C ASN B 59 7.56 -6.06 -19.98
N TYR B 60 8.62 -5.26 -20.05
CA TYR B 60 9.03 -4.39 -18.95
C TYR B 60 8.49 -2.97 -19.08
N ASN B 61 8.14 -2.37 -17.95
CA ASN B 61 8.05 -0.92 -17.84
C ASN B 61 9.48 -0.40 -17.98
N GLU B 62 9.68 0.56 -18.89
CA GLU B 62 11.00 1.15 -19.14
C GLU B 62 11.71 1.66 -17.88
N LYS B 63 10.94 2.13 -16.91
CA LYS B 63 11.48 2.59 -15.62
C LYS B 63 12.18 1.49 -14.81
N PHE B 64 11.79 0.22 -15.00
CA PHE B 64 12.38 -0.91 -14.28
C PHE B 64 13.31 -1.78 -15.13
N LYS B 65 13.68 -1.32 -16.33
CA LYS B 65 14.47 -2.13 -17.26
C LYS B 65 15.89 -2.42 -16.76
N ASP B 66 16.51 -1.46 -16.08
CA ASP B 66 17.82 -1.64 -15.45
C ASP B 66 17.76 -2.26 -14.05
N LYS B 67 16.64 -2.04 -13.35
CA LYS B 67 16.47 -2.44 -11.95
C LYS B 67 15.97 -3.89 -11.79
N ALA B 68 15.00 -4.29 -12.61
CA ALA B 68 14.26 -5.55 -12.42
C ALA B 68 14.58 -6.60 -13.47
N ARG B 69 14.57 -7.86 -13.05
CA ARG B 69 14.71 -9.02 -13.93
C ARG B 69 13.61 -10.04 -13.61
N LEU B 70 12.76 -10.34 -14.60
CA LEU B 70 11.67 -11.30 -14.44
C LEU B 70 12.03 -12.66 -15.05
N THR B 71 11.87 -13.71 -14.25
CA THR B 71 12.09 -15.09 -14.70
C THR B 71 10.95 -15.97 -14.22
N ALA B 72 10.91 -17.20 -14.75
CA ALA B 72 9.88 -18.16 -14.38
C ALA B 72 10.44 -19.58 -14.46
N ASP B 73 10.09 -20.39 -13.47
CA ASP B 73 10.43 -21.81 -13.44
C ASP B 73 9.12 -22.59 -13.55
N LYS B 74 8.83 -23.08 -14.76
CA LYS B 74 7.56 -23.78 -15.01
C LYS B 74 7.49 -25.18 -14.38
N SER B 75 8.65 -25.77 -14.06
CA SER B 75 8.68 -27.05 -13.34
C SER B 75 8.17 -26.94 -11.89
N SER B 76 8.27 -25.76 -11.29
CA SER B 76 7.78 -25.52 -9.92
C SER B 76 6.63 -24.51 -9.84
N ASN B 77 6.04 -24.14 -10.99
CA ASN B 77 4.94 -23.15 -11.06
C ASN B 77 5.26 -21.82 -10.34
N THR B 78 6.50 -21.35 -10.47
CA THR B 78 6.96 -20.19 -9.72
C THR B 78 7.54 -19.14 -10.65
N ALA B 79 7.08 -17.90 -10.47
CA ALA B 79 7.64 -16.73 -11.14
C ALA B 79 8.52 -15.99 -10.15
N TYR B 80 9.55 -15.30 -10.65
CA TYR B 80 10.49 -14.57 -9.80
C TYR B 80 10.70 -13.13 -10.27
N LEU B 81 10.88 -12.23 -9.32
CA LEU B 81 11.29 -10.85 -9.57
C LEU B 81 12.62 -10.60 -8.86
N GLN B 82 13.68 -10.35 -9.61
CA GLN B 82 15.00 -10.08 -9.05
C GLN B 82 15.35 -8.59 -9.19
N PHE B 83 15.85 -8.01 -8.10
CA PHE B 83 16.36 -6.65 -8.10
C PHE B 83 17.88 -6.66 -8.05
N SER B 84 18.51 -5.75 -8.79
CA SER B 84 19.96 -5.54 -8.71
C SER B 84 20.22 -4.18 -8.08
N SER B 85 21.40 -4.04 -7.48
CA SER B 85 21.86 -2.75 -6.92
C SER B 85 20.80 -2.07 -6.04
N LEU B 86 20.34 -2.78 -5.01
CA LEU B 86 19.24 -2.30 -4.16
C LEU B 86 19.54 -0.96 -3.50
N THR B 87 18.55 -0.06 -3.51
CA THR B 87 18.62 1.22 -2.79
C THR B 87 17.37 1.38 -1.92
N SER B 88 17.32 2.47 -1.16
CA SER B 88 16.14 2.80 -0.35
C SER B 88 14.88 3.07 -1.20
N ASP B 89 15.05 3.49 -2.45
CA ASP B 89 13.94 3.65 -3.39
C ASP B 89 13.21 2.32 -3.69
N ASP B 90 13.91 1.20 -3.53
CA ASP B 90 13.31 -0.13 -3.72
C ASP B 90 12.48 -0.64 -2.54
N SER B 91 12.60 0.00 -1.38
CA SER B 91 11.79 -0.37 -0.21
C SER B 91 10.29 -0.12 -0.52
N ALA B 92 9.53 -1.22 -0.57
CA ALA B 92 8.14 -1.17 -1.00
C ALA B 92 7.45 -2.48 -0.69
N VAL B 93 6.16 -2.55 -1.01
CA VAL B 93 5.43 -3.80 -1.05
C VAL B 93 5.32 -4.19 -2.53
N TYR B 94 5.61 -5.46 -2.82
CA TYR B 94 5.58 -5.97 -4.19
C TYR B 94 4.50 -7.03 -4.32
N PHE B 95 3.66 -6.90 -5.35
CA PHE B 95 2.59 -7.84 -5.62
C PHE B 95 2.83 -8.54 -6.94
N CYS B 96 2.45 -9.81 -7.02
CA CYS B 96 2.26 -10.47 -8.30
C CYS B 96 0.75 -10.56 -8.57
N ALA B 97 0.41 -10.66 -9.84
CA ALA B 97 -0.97 -10.81 -10.26
C ALA B 97 -1.03 -11.62 -11.55
N ARG B 98 -2.25 -11.94 -11.96
CA ARG B 98 -2.50 -12.78 -13.12
C ARG B 98 -3.21 -11.96 -14.19
N PHE B 99 -2.76 -12.06 -15.43
CA PHE B 99 -3.41 -11.37 -16.55
C PHE B 99 -4.57 -12.21 -17.06
N LEU B 100 -5.78 -11.67 -16.93
CA LEU B 100 -6.99 -12.26 -17.50
C LEU B 100 -7.21 -11.57 -18.87
N GLY B 101 -8.43 -11.60 -19.41
CA GLY B 101 -8.72 -10.88 -20.63
C GLY B 101 -8.72 -9.39 -20.45
N ASN B 102 -7.52 -8.78 -20.45
CA ASN B 102 -7.36 -7.32 -20.37
C ASN B 102 -7.79 -6.71 -19.03
N TYR B 103 -7.47 -7.41 -17.95
CA TYR B 103 -7.52 -6.88 -16.59
C TYR B 103 -6.72 -7.84 -15.69
N PHE B 104 -6.39 -7.39 -14.48
CA PHE B 104 -5.64 -8.21 -13.52
C PHE B 104 -6.62 -8.85 -12.54
N ASP B 105 -6.31 -10.08 -12.13
CA ASP B 105 -7.06 -10.74 -11.08
C ASP B 105 -6.08 -11.62 -10.29
N ASN B 106 -6.56 -12.18 -9.19
CA ASN B 106 -5.80 -13.17 -8.40
C ASN B 106 -4.48 -12.60 -7.89
N TRP B 107 -4.54 -11.39 -7.32
CA TRP B 107 -3.36 -10.73 -6.78
C TRP B 107 -2.80 -11.55 -5.63
N GLY B 108 -1.49 -11.66 -5.56
CA GLY B 108 -0.83 -12.28 -4.41
C GLY B 108 -1.01 -11.46 -3.15
N GLN B 109 -0.68 -12.06 -2.00
CA GLN B 109 -0.82 -11.38 -0.70
C GLN B 109 0.14 -10.20 -0.51
N GLY B 110 1.19 -10.15 -1.34
CA GLY B 110 2.19 -9.09 -1.26
C GLY B 110 3.41 -9.53 -0.45
N ALA B 111 4.57 -8.98 -0.78
CA ALA B 111 5.81 -9.21 -0.05
C ALA B 111 6.47 -7.87 0.22
N THR B 112 6.76 -7.58 1.48
CA THR B 112 7.41 -6.32 1.86
C THR B 112 8.92 -6.46 1.70
N LEU B 113 9.52 -5.47 1.05
CA LEU B 113 10.96 -5.39 0.87
C LEU B 113 11.44 -4.15 1.62
N THR B 114 12.31 -4.34 2.60
CA THR B 114 12.90 -3.25 3.37
C THR B 114 14.40 -3.24 3.16
N VAL B 115 14.91 -2.17 2.57
CA VAL B 115 16.34 -1.99 2.31
C VAL B 115 16.94 -1.21 3.47
N SER B 116 17.94 -1.79 4.13
CA SER B 116 18.58 -1.18 5.29
C SER B 116 19.93 -1.82 5.61
N SER B 117 20.84 -1.01 6.16
CA SER B 117 22.14 -1.48 6.64
C SER B 117 22.10 -1.95 8.10
N ALA B 118 20.95 -1.80 8.77
CA ALA B 118 20.85 -2.08 10.21
C ALA B 118 20.92 -3.57 10.54
N SER B 119 21.48 -3.86 11.71
CA SER B 119 21.49 -5.22 12.27
C SER B 119 20.31 -5.42 13.20
N THR B 120 20.01 -6.69 13.49
CA THR B 120 18.90 -7.04 14.37
C THR B 120 19.20 -6.60 15.80
N LYS B 121 18.28 -5.83 16.38
CA LYS B 121 18.44 -5.28 17.72
C LYS B 121 17.10 -5.27 18.46
N GLY B 122 17.10 -5.71 19.71
CA GLY B 122 15.92 -5.69 20.56
C GLY B 122 15.64 -4.31 21.13
N PRO B 123 14.37 -4.01 21.45
CA PRO B 123 14.03 -2.69 21.97
C PRO B 123 14.40 -2.48 23.42
N SER B 124 14.66 -1.22 23.79
CA SER B 124 14.64 -0.79 25.17
C SER B 124 13.22 -0.31 25.46
N VAL B 125 12.69 -0.66 26.63
CA VAL B 125 11.32 -0.30 27.00
C VAL B 125 11.34 0.63 28.21
N PHE B 126 10.78 1.82 28.02
CA PHE B 126 10.75 2.85 29.07
C PHE B 126 9.30 3.19 29.41
N PRO B 127 9.00 3.37 30.70
CA PRO B 127 7.62 3.69 31.10
C PRO B 127 7.26 5.14 30.80
N LEU B 128 6.02 5.35 30.36
CA LEU B 128 5.44 6.68 30.23
C LEU B 128 4.49 6.81 31.41
N ALA B 129 5.00 7.39 32.49
CA ALA B 129 4.32 7.39 33.78
C ALA B 129 3.18 8.40 33.83
N PRO B 130 2.08 8.05 34.53
CA PRO B 130 0.99 9.02 34.69
C PRO B 130 1.39 10.12 35.66
N SER B 131 0.91 11.34 35.39
CA SER B 131 1.13 12.49 36.28
C SER B 131 -0.01 13.49 36.11
N SER B 132 0.07 14.62 36.79
CA SER B 132 -0.90 15.71 36.63
C SER B 132 -0.96 16.27 35.19
N LYS B 133 0.15 16.19 34.46
CA LYS B 133 0.23 16.64 33.06
C LYS B 133 -0.16 15.56 32.03
N SER B 134 -0.48 14.36 32.52
CA SER B 134 -1.15 13.34 31.71
C SER B 134 -2.51 12.94 32.32
N THR B 135 -3.24 13.91 32.89
CA THR B 135 -4.62 13.69 33.34
C THR B 135 -5.58 14.56 32.54
N SER B 136 -6.76 14.02 32.26
CA SER B 136 -7.85 14.74 31.59
C SER B 136 -9.15 14.36 32.28
N GLY B 137 -9.68 15.28 33.10
CA GLY B 137 -10.82 15.00 33.96
C GLY B 137 -10.47 13.95 34.99
N GLY B 138 -11.28 12.90 35.05
CA GLY B 138 -10.99 11.74 35.90
C GLY B 138 -10.14 10.66 35.23
N THR B 139 -9.66 10.92 34.02
CA THR B 139 -8.88 9.97 33.23
C THR B 139 -7.38 10.30 33.32
N ALA B 140 -6.56 9.26 33.40
CA ALA B 140 -5.10 9.38 33.36
C ALA B 140 -4.58 8.55 32.21
N ALA B 141 -3.64 9.12 31.45
CA ALA B 141 -2.96 8.40 30.38
C ALA B 141 -1.61 7.91 30.88
N LEU B 142 -1.26 6.69 30.49
CA LEU B 142 0.04 6.09 30.76
C LEU B 142 0.43 5.21 29.59
N GLY B 143 1.68 4.77 29.54
CA GLY B 143 2.15 4.01 28.38
C GLY B 143 3.55 3.45 28.45
N CYS B 144 4.04 3.00 27.30
CA CYS B 144 5.40 2.48 27.16
C CYS B 144 6.01 2.93 25.86
N LEU B 145 7.23 3.45 25.94
CA LEU B 145 8.03 3.80 24.77
C LEU B 145 8.94 2.63 24.42
N VAL B 146 8.70 2.01 23.28
CA VAL B 146 9.50 0.90 22.78
C VAL B 146 10.51 1.46 21.77
N LYS B 147 11.75 1.65 22.22
CA LYS B 147 12.74 2.44 21.48
C LYS B 147 13.95 1.64 20.96
N ASP B 148 14.41 2.04 19.77
CA ASP B 148 15.67 1.56 19.17
C ASP B 148 15.71 0.05 18.92
N TYR B 149 14.81 -0.41 18.06
CA TYR B 149 14.79 -1.81 17.64
C TYR B 149 14.84 -1.93 16.13
N PHE B 150 15.22 -3.12 15.68
CA PHE B 150 15.21 -3.49 14.27
C PHE B 150 15.19 -5.02 14.19
N PRO B 151 14.41 -5.63 13.29
CA PRO B 151 13.50 -4.98 12.34
C PRO B 151 12.09 -4.85 12.92
N GLU B 152 11.16 -4.38 12.10
CA GLU B 152 9.73 -4.49 12.42
C GLU B 152 9.32 -5.98 12.36
N PRO B 153 8.28 -6.42 13.08
CA PRO B 153 7.42 -5.59 13.92
C PRO B 153 7.59 -5.88 15.41
N VAL B 154 6.97 -5.04 16.23
CA VAL B 154 6.84 -5.26 17.67
C VAL B 154 5.34 -5.37 17.98
N THR B 155 4.99 -6.26 18.92
CA THR B 155 3.65 -6.34 19.46
C THR B 155 3.66 -5.78 20.88
N VAL B 156 2.57 -5.13 21.27
CA VAL B 156 2.38 -4.64 22.64
C VAL B 156 1.00 -5.06 23.12
N SER B 157 0.92 -5.55 24.35
CA SER B 157 -0.35 -5.78 25.04
C SER B 157 -0.24 -5.20 26.44
N TRP B 158 -1.36 -5.18 27.15
CA TRP B 158 -1.43 -4.60 28.50
C TRP B 158 -2.07 -5.59 29.48
N ASN B 159 -1.42 -5.77 30.63
CA ASN B 159 -1.81 -6.75 31.66
C ASN B 159 -2.10 -8.15 31.08
N SER B 160 -1.19 -8.60 30.22
CA SER B 160 -1.27 -9.91 29.54
C SER B 160 -2.54 -10.14 28.74
N GLY B 161 -3.10 -9.07 28.17
CA GLY B 161 -4.35 -9.14 27.40
C GLY B 161 -5.63 -8.79 28.15
N ALA B 162 -5.57 -8.70 29.49
CA ALA B 162 -6.73 -8.34 30.31
C ALA B 162 -7.19 -6.88 30.15
N LEU B 163 -6.28 -6.01 29.73
CA LEU B 163 -6.59 -4.60 29.49
C LEU B 163 -6.46 -4.32 27.99
N THR B 164 -7.60 -4.08 27.32
CA THR B 164 -7.63 -3.76 25.89
C THR B 164 -8.36 -2.45 25.53
N SER B 165 -9.43 -2.10 26.24
CA SER B 165 -10.19 -0.88 25.94
C SER B 165 -9.36 0.37 26.22
N GLY B 166 -9.41 1.32 25.30
CA GLY B 166 -8.62 2.55 25.39
C GLY B 166 -7.15 2.43 25.01
N VAL B 167 -6.71 1.24 24.61
CA VAL B 167 -5.33 1.01 24.21
C VAL B 167 -5.11 1.55 22.79
N HIS B 168 -4.05 2.34 22.62
CA HIS B 168 -3.61 2.81 21.30
C HIS B 168 -2.12 2.52 21.14
N THR B 169 -1.80 1.58 20.24
CA THR B 169 -0.42 1.26 19.88
C THR B 169 -0.15 1.83 18.50
N PHE B 170 0.78 2.77 18.43
CA PHE B 170 0.99 3.59 17.24
C PHE B 170 1.92 2.92 16.24
N PRO B 171 1.81 3.26 14.94
CA PRO B 171 2.81 2.79 13.97
C PRO B 171 4.21 3.30 14.30
N ALA B 172 5.21 2.47 14.06
CA ALA B 172 6.60 2.82 14.35
C ALA B 172 7.10 3.91 13.42
N VAL B 173 8.03 4.72 13.92
CA VAL B 173 8.72 5.70 13.11
C VAL B 173 10.17 5.23 12.95
N LEU B 174 10.73 5.46 11.76
CA LEU B 174 12.13 5.11 11.49
C LEU B 174 13.00 6.30 11.84
N GLN B 175 13.90 6.12 12.80
CA GLN B 175 14.80 7.19 13.25
C GLN B 175 16.01 7.26 12.33
N SER B 176 16.75 8.37 12.39
CA SER B 176 17.94 8.57 11.55
C SER B 176 19.05 7.55 11.84
N SER B 177 19.05 6.96 13.03
CA SER B 177 19.92 5.82 13.36
C SER B 177 19.73 4.57 12.49
N GLY B 178 18.55 4.45 11.86
CA GLY B 178 18.14 3.25 11.15
C GLY B 178 17.30 2.31 12.00
N LEU B 179 17.04 2.70 13.26
CA LEU B 179 16.26 1.88 14.19
C LEU B 179 14.85 2.45 14.37
N TYR B 180 13.92 1.59 14.69
CA TYR B 180 12.52 1.98 14.88
C TYR B 180 12.23 2.36 16.33
N SER B 181 11.17 3.14 16.51
CA SER B 181 10.65 3.51 17.82
C SER B 181 9.14 3.61 17.75
N LEU B 182 8.44 3.02 18.71
CA LEU B 182 6.99 3.20 18.83
C LEU B 182 6.55 3.37 20.28
N SER B 183 5.34 3.87 20.45
CA SER B 183 4.73 4.04 21.75
C SER B 183 3.42 3.28 21.82
N SER B 184 3.08 2.78 23.00
CA SER B 184 1.78 2.19 23.28
C SER B 184 1.22 2.90 24.50
N VAL B 185 -0.02 3.39 24.40
CA VAL B 185 -0.67 4.12 25.49
C VAL B 185 -2.02 3.51 25.84
N VAL B 186 -2.47 3.82 27.06
CA VAL B 186 -3.79 3.43 27.53
C VAL B 186 -4.32 4.50 28.49
N THR B 187 -5.61 4.78 28.40
CA THR B 187 -6.29 5.72 29.28
C THR B 187 -7.09 4.92 30.30
N VAL B 188 -6.90 5.24 31.58
CA VAL B 188 -7.58 4.57 32.69
C VAL B 188 -8.05 5.61 33.73
N PRO B 189 -8.92 5.21 34.68
CA PRO B 189 -9.31 6.14 35.74
C PRO B 189 -8.14 6.53 36.65
N SER B 190 -8.01 7.83 36.93
CA SER B 190 -6.98 8.35 37.85
C SER B 190 -7.03 7.68 39.24
N SER B 191 -8.24 7.39 39.71
CA SER B 191 -8.47 6.74 41.01
C SER B 191 -8.03 5.27 41.08
N SER B 192 -7.84 4.62 39.92
CA SER B 192 -7.33 3.24 39.87
C SER B 192 -5.81 3.13 40.03
N LEU B 193 -5.08 4.25 39.93
CA LEU B 193 -3.61 4.23 39.91
C LEU B 193 -2.97 3.77 41.23
N GLY B 194 -3.67 3.99 42.35
CA GLY B 194 -3.22 3.50 43.66
C GLY B 194 -3.41 2.00 43.88
N THR B 195 -4.43 1.42 43.24
CA THR B 195 -4.80 0.02 43.44
C THR B 195 -4.41 -0.91 42.29
N GLN B 196 -4.66 -0.48 41.05
CA GLN B 196 -4.48 -1.33 39.87
C GLN B 196 -3.06 -1.24 39.31
N THR B 197 -2.44 -2.40 39.09
CA THR B 197 -1.12 -2.48 38.47
C THR B 197 -1.26 -2.47 36.94
N TYR B 198 -0.36 -1.74 36.28
CA TYR B 198 -0.37 -1.60 34.83
C TYR B 198 1.00 -1.98 34.27
N ILE B 199 1.01 -3.02 33.44
CA ILE B 199 2.23 -3.57 32.88
C ILE B 199 2.03 -3.72 31.37
N CYS B 200 2.95 -3.14 30.59
CA CYS B 200 2.98 -3.38 29.14
C CYS B 200 3.86 -4.59 28.84
N ASN B 201 3.40 -5.42 27.92
CA ASN B 201 4.10 -6.65 27.54
C ASN B 201 4.56 -6.47 26.10
N VAL B 202 5.86 -6.30 25.91
CA VAL B 202 6.44 -6.02 24.60
C VAL B 202 7.14 -7.28 24.08
N ASN B 203 6.72 -7.76 22.92
CA ASN B 203 7.33 -8.90 22.25
C ASN B 203 7.95 -8.46 20.93
N HIS B 204 9.26 -8.70 20.78
CA HIS B 204 9.99 -8.47 19.54
C HIS B 204 10.63 -9.79 19.12
N LYS B 205 9.87 -10.57 18.33
CA LYS B 205 10.26 -11.93 17.91
C LYS B 205 11.59 -12.02 17.15
N PRO B 206 11.86 -11.07 16.22
CA PRO B 206 13.12 -11.10 15.47
C PRO B 206 14.40 -11.16 16.30
N SER B 207 14.44 -10.43 17.42
CA SER B 207 15.59 -10.43 18.33
C SER B 207 15.44 -11.34 19.57
N ASN B 208 14.37 -12.13 19.63
CA ASN B 208 14.08 -13.01 20.77
C ASN B 208 13.98 -12.24 22.10
N THR B 209 13.26 -11.12 22.08
CA THR B 209 13.12 -10.22 23.22
C THR B 209 11.67 -10.20 23.73
N LYS B 210 11.50 -10.31 25.04
CA LYS B 210 10.21 -10.16 25.70
C LYS B 210 10.41 -9.33 26.96
N VAL B 211 9.78 -8.16 27.02
CA VAL B 211 9.92 -7.22 28.14
C VAL B 211 8.56 -6.97 28.79
N ASP B 212 8.53 -6.97 30.12
CA ASP B 212 7.34 -6.65 30.90
C ASP B 212 7.66 -5.48 31.83
N LYS B 213 7.22 -4.29 31.45
CA LYS B 213 7.56 -3.06 32.17
C LYS B 213 6.36 -2.54 32.95
N LYS B 214 6.46 -2.54 34.28
CA LYS B 214 5.44 -1.96 35.15
C LYS B 214 5.49 -0.44 35.00
N VAL B 215 4.31 0.17 34.81
CA VAL B 215 4.18 1.60 34.65
C VAL B 215 3.34 2.11 35.83
N GLU B 216 3.94 2.96 36.65
CA GLU B 216 3.30 3.46 37.87
C GLU B 216 3.57 4.96 38.06
N PRO B 217 2.79 5.62 38.94
CA PRO B 217 3.02 7.06 39.20
C PRO B 217 4.41 7.37 39.78
N LYS B 218 4.86 8.61 39.60
CA LYS B 218 6.14 9.07 40.16
C LYS B 218 6.11 9.02 41.68
N SER B 219 7.27 8.73 42.28
CA SER B 219 7.40 8.55 43.73
C SER B 219 6.91 9.75 44.56
N CYS B 220 7.06 10.95 44.01
CA CYS B 220 6.57 12.19 44.63
C CYS B 220 5.04 12.33 44.67
N ASP B 221 4.33 11.67 43.75
CA ASP B 221 2.87 11.83 43.62
C ASP B 221 2.12 11.23 44.81
N THR C 1 19.10 -6.13 -33.68
CA THR C 1 17.66 -6.42 -33.39
C THR C 1 16.82 -5.14 -33.43
N VAL C 2 15.72 -5.19 -34.19
CA VAL C 2 14.75 -4.10 -34.27
C VAL C 2 13.42 -4.63 -33.73
N PRO C 3 12.85 -3.95 -32.71
CA PRO C 3 11.57 -4.42 -32.15
C PRO C 3 10.39 -4.15 -33.10
N PRO C 4 9.36 -5.02 -33.09
CA PRO C 4 8.19 -4.77 -33.95
C PRO C 4 7.30 -3.63 -33.50
N MET C 5 6.72 -2.92 -34.47
CA MET C 5 5.58 -2.04 -34.24
C MET C 5 4.34 -2.91 -34.38
N VAL C 6 3.53 -2.99 -33.33
CA VAL C 6 2.33 -3.83 -33.34
C VAL C 6 1.08 -2.97 -33.36
N ASN C 7 0.13 -3.32 -34.22
CA ASN C 7 -1.09 -2.52 -34.41
C ASN C 7 -2.29 -3.44 -34.61
N VAL C 8 -3.38 -3.17 -33.89
CA VAL C 8 -4.63 -3.93 -34.00
C VAL C 8 -5.69 -3.09 -34.70
N THR C 9 -6.34 -3.68 -35.70
CA THR C 9 -7.46 -3.06 -36.41
C THR C 9 -8.65 -4.02 -36.44
N ARG C 10 -9.83 -3.46 -36.70
CA ARG C 10 -11.08 -4.22 -36.72
C ARG C 10 -11.91 -3.87 -37.95
N SER C 11 -12.53 -4.89 -38.54
CA SER C 11 -13.41 -4.71 -39.70
C SER C 11 -14.81 -4.35 -39.26
N GLU C 12 -15.68 -4.06 -40.24
CA GLU C 12 -17.10 -3.81 -39.97
C GLU C 12 -17.81 -5.11 -39.60
N ALA C 13 -18.94 -4.97 -38.90
CA ALA C 13 -19.72 -6.13 -38.45
C ALA C 13 -20.45 -6.79 -39.62
N SER C 14 -20.02 -8.01 -39.96
CA SER C 14 -20.56 -8.75 -41.10
C SER C 14 -21.96 -9.30 -40.81
N GLU C 15 -22.05 -10.28 -39.91
CA GLU C 15 -23.32 -10.85 -39.46
C GLU C 15 -23.30 -10.95 -37.93
N GLY C 16 -23.03 -9.81 -37.30
CA GLY C 16 -22.78 -9.76 -35.86
C GLY C 16 -21.43 -10.32 -35.45
N ASN C 17 -20.49 -10.39 -36.40
CA ASN C 17 -19.15 -10.95 -36.18
C ASN C 17 -18.09 -10.00 -36.73
N ILE C 18 -17.12 -9.64 -35.89
CA ILE C 18 -16.04 -8.74 -36.24
C ILE C 18 -14.80 -9.57 -36.58
N THR C 19 -14.02 -9.11 -37.56
CA THR C 19 -12.70 -9.67 -37.83
C THR C 19 -11.65 -8.71 -37.26
N VAL C 20 -10.83 -9.21 -36.34
CA VAL C 20 -9.72 -8.41 -35.76
C VAL C 20 -8.40 -8.89 -36.38
N THR C 21 -7.58 -7.93 -36.78
CA THR C 21 -6.29 -8.20 -37.40
C THR C 21 -5.20 -7.53 -36.59
N CYS C 22 -4.22 -8.33 -36.15
CA CYS C 22 -3.06 -7.83 -35.42
C CYS C 22 -1.86 -7.87 -36.34
N ARG C 23 -1.28 -6.69 -36.61
CA ARG C 23 -0.16 -6.57 -37.55
C ARG C 23 1.12 -6.23 -36.79
N ALA C 24 2.18 -6.99 -37.07
CA ALA C 24 3.54 -6.67 -36.60
C ALA C 24 4.35 -6.21 -37.81
N SER C 25 5.09 -5.10 -37.67
CA SER C 25 5.86 -4.54 -38.79
C SER C 25 7.19 -3.92 -38.36
N SER C 26 8.10 -3.79 -39.33
CA SER C 26 9.42 -3.16 -39.14
C SER C 26 10.30 -3.85 -38.08
N PHE C 27 10.33 -5.19 -38.12
CA PHE C 27 11.13 -5.96 -37.15
C PHE C 27 12.23 -6.81 -37.81
N TYR C 28 13.26 -7.09 -37.02
CA TYR C 28 14.36 -7.98 -37.40
C TYR C 28 14.93 -8.57 -36.11
N PRO C 29 15.25 -9.87 -36.05
CA PRO C 29 15.18 -10.81 -37.17
C PRO C 29 13.76 -11.33 -37.49
N ARG C 30 13.67 -12.19 -38.49
CA ARG C 30 12.39 -12.71 -39.01
C ARG C 30 11.58 -13.53 -38.01
N ASN C 31 12.24 -14.22 -37.08
CA ASN C 31 11.55 -15.05 -36.08
C ASN C 31 10.63 -14.23 -35.16
N ILE C 32 9.34 -14.55 -35.20
CA ILE C 32 8.34 -13.86 -34.39
C ILE C 32 7.18 -14.82 -34.08
N ILE C 33 6.58 -14.63 -32.92
CA ILE C 33 5.32 -15.28 -32.57
C ILE C 33 4.27 -14.17 -32.49
N LEU C 34 3.12 -14.42 -33.09
CA LEU C 34 2.02 -13.47 -33.09
C LEU C 34 0.72 -14.26 -33.06
N THR C 35 -0.04 -14.13 -31.97
CA THR C 35 -1.23 -14.97 -31.78
C THR C 35 -2.29 -14.31 -30.89
N TRP C 36 -3.55 -14.62 -31.16
CA TRP C 36 -4.68 -14.07 -30.41
C TRP C 36 -4.95 -14.88 -29.14
N ARG C 37 -5.23 -14.15 -28.05
CA ARG C 37 -5.67 -14.73 -26.79
C ARG C 37 -7.10 -14.32 -26.50
N GLN C 38 -7.84 -15.18 -25.82
CA GLN C 38 -9.17 -14.87 -25.31
C GLN C 38 -9.19 -15.18 -23.82
N ASP C 39 -9.67 -14.22 -23.02
CA ASP C 39 -9.67 -14.32 -21.56
C ASP C 39 -8.25 -14.59 -20.99
N GLY C 40 -7.23 -14.00 -21.63
CA GLY C 40 -5.84 -14.19 -21.24
C GLY C 40 -5.12 -15.45 -21.73
N VAL C 41 -5.81 -16.32 -22.48
CA VAL C 41 -5.26 -17.61 -22.91
C VAL C 41 -5.25 -17.70 -24.44
N SER C 42 -4.15 -18.22 -24.99
CA SER C 42 -3.99 -18.41 -26.44
C SER C 42 -5.13 -19.22 -27.06
N LEU C 43 -5.62 -18.77 -28.19
CA LEU C 43 -6.62 -19.50 -28.95
C LEU C 43 -5.94 -20.60 -29.77
N SER C 44 -6.73 -21.57 -30.21
CA SER C 44 -6.27 -22.57 -31.16
C SER C 44 -5.90 -21.90 -32.48
N HIS C 45 -4.83 -22.38 -33.12
CA HIS C 45 -4.44 -21.91 -34.47
C HIS C 45 -5.52 -22.13 -35.55
N ASP C 46 -6.37 -23.13 -35.35
CA ASP C 46 -7.49 -23.39 -36.27
C ASP C 46 -8.59 -22.32 -36.24
N THR C 47 -8.63 -21.49 -35.19
CA THR C 47 -9.54 -20.33 -35.14
C THR C 47 -8.89 -19.03 -35.64
N GLN C 48 -7.69 -19.12 -36.23
CA GLN C 48 -6.95 -17.94 -36.69
C GLN C 48 -6.35 -18.14 -38.09
N GLN C 49 -5.99 -17.02 -38.73
CA GLN C 49 -5.30 -17.02 -40.01
C GLN C 49 -4.06 -16.12 -39.92
N TRP C 50 -2.93 -16.61 -40.48
CA TRP C 50 -1.64 -15.93 -40.43
C TRP C 50 -1.15 -15.58 -41.82
N GLY C 51 -0.62 -14.36 -41.98
CA GLY C 51 0.15 -14.01 -43.16
C GLY C 51 1.55 -14.58 -43.05
N ASP C 52 2.27 -14.61 -44.17
CA ASP C 52 3.70 -14.94 -44.14
C ASP C 52 4.50 -13.78 -43.55
N VAL C 53 5.71 -14.09 -43.10
CA VAL C 53 6.65 -13.06 -42.66
C VAL C 53 7.39 -12.60 -43.92
N LEU C 54 7.01 -11.44 -44.44
CA LEU C 54 7.55 -10.91 -45.69
C LEU C 54 8.45 -9.69 -45.46
N PRO C 55 9.44 -9.46 -46.37
CA PRO C 55 10.22 -8.22 -46.28
C PRO C 55 9.39 -6.96 -46.54
N ASP C 56 9.84 -5.83 -45.99
CA ASP C 56 9.24 -4.52 -46.28
C ASP C 56 10.16 -3.61 -47.11
N GLY C 57 11.29 -4.15 -47.59
CA GLY C 57 12.24 -3.41 -48.42
C GLY C 57 13.15 -2.44 -47.68
N ASN C 58 13.32 -2.63 -46.37
CA ASN C 58 14.21 -1.79 -45.54
C ASN C 58 15.10 -2.64 -44.59
N GLY C 59 15.32 -3.91 -44.93
CA GLY C 59 16.07 -4.84 -44.06
C GLY C 59 15.29 -5.38 -42.88
N THR C 60 13.97 -5.18 -42.87
CA THR C 60 13.09 -5.62 -41.78
C THR C 60 11.91 -6.40 -42.36
N TYR C 61 11.07 -6.95 -41.48
CA TYR C 61 9.97 -7.82 -41.87
C TYR C 61 8.62 -7.35 -41.32
N GLN C 62 7.56 -7.96 -41.83
CA GLN C 62 6.18 -7.68 -41.42
C GLN C 62 5.29 -8.91 -41.56
N THR C 63 4.31 -9.03 -40.67
CA THR C 63 3.34 -10.14 -40.71
C THR C 63 2.05 -9.76 -39.98
N TRP C 64 1.08 -10.67 -39.98
CA TRP C 64 -0.20 -10.44 -39.32
C TRP C 64 -0.89 -11.72 -38.90
N VAL C 65 -1.83 -11.60 -37.97
CA VAL C 65 -2.71 -12.69 -37.56
C VAL C 65 -4.13 -12.17 -37.31
N ALA C 66 -5.13 -12.90 -37.79
CA ALA C 66 -6.53 -12.51 -37.68
C ALA C 66 -7.38 -13.60 -37.03
N THR C 67 -8.46 -13.17 -36.39
CA THR C 67 -9.47 -14.08 -35.85
C THR C 67 -10.85 -13.40 -35.87
N ARG C 68 -11.90 -14.23 -35.91
CA ARG C 68 -13.28 -13.73 -35.93
C ARG C 68 -13.84 -13.76 -34.51
N ILE C 69 -14.56 -12.70 -34.12
CA ILE C 69 -15.13 -12.57 -32.78
C ILE C 69 -16.57 -12.05 -32.82
N CYS C 70 -17.42 -12.59 -31.95
CA CYS C 70 -18.83 -12.20 -31.89
C CYS C 70 -18.95 -10.78 -31.35
N ARG C 71 -19.91 -10.03 -31.90
CA ARG C 71 -20.17 -8.65 -31.46
C ARG C 71 -20.52 -8.64 -29.96
N GLY C 72 -19.98 -7.66 -29.24
CA GLY C 72 -20.14 -7.57 -27.78
C GLY C 72 -19.15 -8.34 -26.92
N GLU C 73 -18.22 -9.09 -27.55
N GLU C 73 -18.23 -9.09 -27.54
CA GLU C 73 -17.21 -9.87 -26.84
CA GLU C 73 -17.21 -9.85 -26.81
C GLU C 73 -15.79 -9.41 -27.14
C GLU C 73 -15.79 -9.41 -27.14
N GLU C 74 -15.62 -8.22 -27.70
CA GLU C 74 -14.32 -7.73 -28.19
C GLU C 74 -13.29 -7.49 -27.08
N GLN C 75 -13.75 -7.05 -25.91
CA GLN C 75 -12.84 -6.74 -24.80
C GLN C 75 -12.18 -7.96 -24.14
N ARG C 76 -12.67 -9.15 -24.46
CA ARG C 76 -12.04 -10.39 -23.99
C ARG C 76 -10.77 -10.81 -24.75
N PHE C 77 -10.49 -10.16 -25.89
CA PHE C 77 -9.40 -10.57 -26.78
C PHE C 77 -8.16 -9.67 -26.70
N THR C 78 -7.00 -10.31 -26.77
CA THR C 78 -5.69 -9.65 -26.68
C THR C 78 -4.76 -10.27 -27.72
N CYS C 79 -4.15 -9.44 -28.57
CA CYS C 79 -3.07 -9.93 -29.43
C CYS C 79 -1.80 -10.07 -28.60
N TYR C 80 -1.14 -11.23 -28.71
CA TYR C 80 0.13 -11.48 -28.04
C TYR C 80 1.23 -11.54 -29.09
N MET C 81 2.28 -10.73 -28.90
CA MET C 81 3.45 -10.71 -29.78
C MET C 81 4.68 -11.10 -28.97
N GLU C 82 5.51 -11.98 -29.51
CA GLU C 82 6.79 -12.33 -28.90
C GLU C 82 7.89 -12.29 -29.97
N HIS C 83 9.00 -11.64 -29.62
CA HIS C 83 10.12 -11.41 -30.54
C HIS C 83 11.41 -11.18 -29.76
N SER C 84 12.41 -12.02 -30.01
CA SER C 84 13.75 -11.92 -29.40
C SER C 84 13.73 -11.92 -27.86
N GLY C 85 12.84 -12.71 -27.28
CA GLY C 85 12.69 -12.80 -25.83
C GLY C 85 11.88 -11.69 -25.17
N ASN C 86 11.33 -10.78 -25.98
CA ASN C 86 10.43 -9.73 -25.50
C ASN C 86 9.01 -10.10 -25.89
N HIS C 87 8.03 -9.63 -25.12
CA HIS C 87 6.63 -9.75 -25.52
C HIS C 87 5.89 -8.43 -25.34
N SER C 88 4.76 -8.31 -26.02
CA SER C 88 3.82 -7.20 -25.84
C SER C 88 2.39 -7.68 -26.08
N THR C 89 1.44 -7.01 -25.43
CA THR C 89 0.02 -7.35 -25.52
C THR C 89 -0.79 -6.15 -26.00
N HIS C 90 -1.84 -6.43 -26.77
CA HIS C 90 -2.60 -5.38 -27.46
C HIS C 90 -4.09 -5.75 -27.54
N PRO C 91 -4.94 -5.03 -26.80
CA PRO C 91 -6.37 -5.33 -26.82
C PRO C 91 -7.08 -4.81 -28.08
N VAL C 92 -8.34 -5.18 -28.23
CA VAL C 92 -9.15 -4.82 -29.40
C VAL C 92 -9.68 -3.39 -29.21
N PRO C 93 -9.41 -2.48 -30.19
CA PRO C 93 -9.85 -1.09 -30.09
C PRO C 93 -11.37 -0.88 -30.23
N SER C 94 -11.78 0.38 -30.27
CA SER C 94 -13.18 0.85 -30.35
C SER C 94 -13.95 0.50 -29.08
C1 GOL D . 6.20 8.77 17.54
O1 GOL D . 5.76 9.18 18.84
C2 GOL D . 6.27 7.24 17.46
O2 GOL D . 7.30 6.74 18.32
C3 GOL D . 4.95 6.63 17.89
O3 GOL D . 4.82 5.31 17.33
C1 GOL E . -14.49 -7.78 -2.88
O1 GOL E . -13.51 -8.75 -2.46
C2 GOL E . -15.42 -7.47 -1.72
O2 GOL E . -14.66 -6.98 -0.62
C3 GOL E . -16.43 -6.41 -2.15
O3 GOL E . -17.44 -6.28 -1.14
C1 GOL F . 16.69 23.79 37.41
O1 GOL F . 17.55 23.38 36.35
C2 GOL F . 16.38 25.28 37.26
O2 GOL F . 15.63 25.47 36.04
C3 GOL F . 15.60 25.88 38.44
O3 GOL F . 15.35 24.94 39.49
C1 GOL G . 3.37 -20.77 -24.29
O1 GOL G . 4.51 -19.91 -24.27
C2 GOL G . 2.11 -19.96 -23.97
O2 GOL G . 1.98 -18.89 -24.91
C3 GOL G . 0.88 -20.87 -24.00
O3 GOL G . 0.31 -20.93 -25.32
C1 GOL H . -3.12 3.59 -5.60
O1 GOL H . -1.97 3.66 -6.45
C2 GOL H . -2.76 2.99 -4.24
O2 GOL H . -1.42 3.31 -3.87
C3 GOL H . -3.71 3.51 -3.16
O3 GOL H . -5.06 3.12 -3.46
S SO4 I . -1.19 10.99 40.05
O1 SO4 I . -1.68 10.90 38.65
O2 SO4 I . 0.29 10.97 40.05
O3 SO4 I . -1.67 12.25 40.66
O4 SO4 I . -1.69 9.83 40.83
C1 GOL J . 9.91 -18.65 -40.10
O1 GOL J . 11.25 -19.04 -40.44
C2 GOL J . 9.95 -17.45 -39.17
O2 GOL J . 10.69 -16.38 -39.77
C3 GOL J . 8.54 -16.98 -38.85
O3 GOL J . 8.57 -15.93 -37.87
C1 GOL K . -9.70 -16.30 -39.14
O1 GOL K . -9.58 -15.20 -40.07
C2 GOL K . -10.21 -17.54 -39.88
O2 GOL K . -9.39 -17.81 -41.02
C3 GOL K . -10.17 -18.73 -38.93
O3 GOL K . -10.85 -19.85 -39.52
C1 GOL L . -5.99 -7.97 -44.64
O1 GOL L . -4.72 -7.91 -45.28
C2 GOL L . -6.08 -9.27 -43.83
O2 GOL L . -5.02 -9.29 -42.87
C3 GOL L . -7.42 -9.34 -43.12
O3 GOL L . -7.62 -10.67 -42.64
ZN ZN M . -3.04 -27.30 -37.66
#